data_4GXB
#
_entry.id   4GXB
#
_cell.length_a   93.754
_cell.length_b   93.754
_cell.length_c   91.308
_cell.angle_alpha   90.00
_cell.angle_beta   90.00
_cell.angle_gamma   120.00
#
_symmetry.space_group_name_H-M   'P 31 2 1'
#
loop_
_entity.id
_entity.type
_entity.pdbx_description
1 polymer 'Sorting nexin-17'
2 polymer P-selectin
3 non-polymer GLYCEROL
4 water water
#
loop_
_entity_poly.entity_id
_entity_poly.type
_entity_poly.pdbx_seq_one_letter_code
_entity_poly.pdbx_strand_id
1 'polypeptide(L)'
;NAQVPTEEVSLEVLLSNGQKVLVNVLTSDQTEDVLEAVAAKLDLPDDLIGYFSLFLVREKEDGAFSFVRKLQEFELPYVS
VTSLRSQEYKIVLRKSYWDSAYDDDVMENRVGLNLLYAQTVSDIERGWILVTKEQHRQLKSLQEKVSKKEFLRLAQTLRH
YGYLRFDACVADFPEKDCPVVVSAGNSELSLQLRLPGQQLREGSFRVTRMRCWRVTSSVPLPSGSTSSPGRGRGEVRLEL
AFEYLMSKDRLQWVTITSPQAIMMSICLQSMVDELMVKKS
;
A
2 'polypeptide(L)' GASAGSSKRLRKKDDGKCPLNPHSHLGTYGVFTNAAYDPTP B
#
# COMPACT_ATOMS: atom_id res chain seq x y z
N VAL A 4 6.78 23.16 13.64
CA VAL A 4 7.50 23.78 12.54
C VAL A 4 6.95 25.18 12.27
N PRO A 5 7.83 26.16 12.13
CA PRO A 5 7.38 27.51 11.75
C PRO A 5 6.63 27.46 10.43
N THR A 6 5.53 28.18 10.35
CA THR A 6 4.68 28.18 9.18
C THR A 6 5.33 28.95 8.05
N GLU A 7 5.44 28.31 6.90
CA GLU A 7 6.12 28.89 5.74
C GLU A 7 5.56 28.21 4.49
N GLU A 8 5.47 28.95 3.39
CA GLU A 8 4.97 28.33 2.16
C GLU A 8 6.12 27.67 1.41
N VAL A 9 5.90 26.41 1.00
CA VAL A 9 6.93 25.64 0.33
C VAL A 9 6.35 24.92 -0.89
N SER A 10 7.24 24.41 -1.73
CA SER A 10 6.82 23.61 -2.87
C SER A 10 7.02 22.15 -2.50
N LEU A 11 6.00 21.34 -2.72
CA LEU A 11 6.08 19.92 -2.42
C LEU A 11 5.79 19.12 -3.67
N GLU A 12 6.68 18.19 -4.00
CA GLU A 12 6.45 17.28 -5.10
C GLU A 12 5.72 16.04 -4.57
N VAL A 13 4.60 15.73 -5.21
CA VAL A 13 3.90 14.49 -4.92
C VAL A 13 3.91 13.68 -6.20
N LEU A 14 4.29 12.41 -6.10
CA LEU A 14 4.38 11.57 -7.28
C LEU A 14 3.14 10.71 -7.39
N LEU A 15 2.73 10.42 -8.62
CA LEU A 15 1.78 9.34 -8.82
C LEU A 15 2.53 7.99 -8.80
N SER A 16 1.79 6.90 -8.77
CA SER A 16 2.39 5.57 -8.66
C SER A 16 3.40 5.30 -9.77
N ASN A 17 3.22 5.97 -10.91
CA ASN A 17 4.11 5.73 -12.04
C ASN A 17 5.27 6.74 -12.08
N GLY A 18 5.36 7.58 -11.05
CA GLY A 18 6.44 8.54 -10.95
C GLY A 18 6.17 9.92 -11.54
N GLN A 19 5.01 10.13 -12.15
CA GLN A 19 4.65 11.46 -12.66
C GLN A 19 4.59 12.47 -11.52
N LYS A 20 5.14 13.66 -11.77
CA LYS A 20 5.28 14.67 -10.72
C LYS A 20 4.09 15.61 -10.65
N VAL A 21 3.56 15.79 -9.44
CA VAL A 21 2.52 16.79 -9.21
C VAL A 21 3.11 17.78 -8.21
N LEU A 22 3.32 19.02 -8.63
CA LEU A 22 3.92 20.03 -7.77
C LEU A 22 2.84 20.91 -7.14
N VAL A 23 2.83 20.98 -5.81
CA VAL A 23 1.84 21.82 -5.13
C VAL A 23 2.52 22.79 -4.17
N ASN A 24 1.91 23.96 -4.00
CA ASN A 24 2.36 24.89 -2.98
C ASN A 24 1.52 24.69 -1.73
N VAL A 25 2.19 24.37 -0.63
CA VAL A 25 1.50 24.10 0.61
C VAL A 25 2.25 24.77 1.75
N LEU A 26 1.71 24.67 2.95
CA LEU A 26 2.41 25.19 4.13
C LEU A 26 3.18 24.08 4.82
N THR A 27 4.29 24.44 5.45
CA THR A 27 5.07 23.50 6.24
C THR A 27 4.19 22.90 7.32
N SER A 28 3.22 23.69 7.79
CA SER A 28 2.36 23.25 8.89
C SER A 28 1.05 22.63 8.41
N ASP A 29 0.90 22.44 7.09
CA ASP A 29 -0.29 21.75 6.57
C ASP A 29 -0.26 20.27 6.92
N GLN A 30 -1.39 19.74 7.33
CA GLN A 30 -1.50 18.31 7.63
C GLN A 30 -1.90 17.51 6.40
N THR A 31 -1.95 16.20 6.55
CA THR A 31 -2.17 15.31 5.43
C THR A 31 -3.38 15.69 4.58
N GLU A 32 -4.52 15.96 5.22
CA GLU A 32 -5.72 16.25 4.44
C GLU A 32 -5.57 17.54 3.63
N ASP A 33 -4.88 18.53 4.20
CA ASP A 33 -4.65 19.78 3.48
C ASP A 33 -3.81 19.54 2.23
N VAL A 34 -2.76 18.75 2.37
CA VAL A 34 -1.90 18.44 1.24
C VAL A 34 -2.66 17.63 0.20
N LEU A 35 -3.45 16.66 0.69
CA LEU A 35 -4.24 15.84 -0.22
C LEU A 35 -5.21 16.71 -1.04
N GLU A 36 -5.86 17.65 -0.38
CA GLU A 36 -6.76 18.55 -1.08
C GLU A 36 -6.06 19.44 -2.11
N ALA A 37 -4.84 19.87 -1.80
CA ALA A 37 -4.06 20.68 -2.73
C ALA A 37 -3.69 19.87 -3.97
N VAL A 38 -3.31 18.61 -3.75
CA VAL A 38 -3.00 17.71 -4.86
C VAL A 38 -4.25 17.51 -5.72
N ALA A 39 -5.38 17.23 -5.07
CA ALA A 39 -6.63 16.99 -5.80
C ALA A 39 -7.03 18.20 -6.61
N ALA A 40 -6.86 19.40 -6.04
CA ALA A 40 -7.13 20.65 -6.76
C ALA A 40 -6.25 20.78 -8.00
N LYS A 41 -4.95 20.52 -7.84
CA LYS A 41 -4.01 20.60 -8.94
C LYS A 41 -4.37 19.62 -10.06
N LEU A 42 -4.90 18.46 -9.71
CA LEU A 42 -5.25 17.43 -10.70
C LEU A 42 -6.66 17.58 -11.24
N ASP A 43 -7.44 18.46 -10.64
CA ASP A 43 -8.85 18.61 -10.95
C ASP A 43 -9.65 17.35 -10.59
N LEU A 44 -9.28 16.70 -9.49
CA LEU A 44 -10.07 15.60 -8.94
C LEU A 44 -11.17 16.20 -8.09
N PRO A 45 -12.42 15.79 -8.33
CA PRO A 45 -13.57 16.31 -7.55
C PRO A 45 -13.43 16.04 -6.07
N ASP A 46 -13.96 16.94 -5.25
CA ASP A 46 -13.89 16.79 -3.80
C ASP A 46 -14.48 15.48 -3.33
N ASP A 47 -15.56 15.05 -3.96
CA ASP A 47 -16.24 13.85 -3.52
C ASP A 47 -15.48 12.55 -3.86
N LEU A 48 -14.34 12.67 -4.53
CA LEU A 48 -13.51 11.51 -4.81
C LEU A 48 -12.22 11.47 -4.01
N ILE A 49 -11.94 12.52 -3.25
CA ILE A 49 -10.69 12.61 -2.50
C ILE A 49 -10.52 11.45 -1.51
N GLY A 50 -11.62 11.01 -0.93
CA GLY A 50 -11.60 9.96 0.07
C GLY A 50 -11.18 8.59 -0.46
N TYR A 51 -11.13 8.47 -1.78
CA TYR A 51 -10.73 7.21 -2.42
C TYR A 51 -9.22 7.12 -2.58
N PHE A 52 -8.50 8.20 -2.24
CA PHE A 52 -7.06 8.24 -2.45
C PHE A 52 -6.36 8.67 -1.16
N SER A 53 -5.10 8.28 -1.01
CA SER A 53 -4.31 8.67 0.16
C SER A 53 -2.89 9.05 -0.25
N LEU A 54 -2.16 9.65 0.68
CA LEU A 54 -0.75 9.95 0.48
C LEU A 54 0.09 8.93 1.25
N PHE A 55 1.17 8.49 0.62
CA PHE A 55 2.09 7.52 1.20
C PHE A 55 3.51 8.05 1.16
N LEU A 56 4.28 7.72 2.19
CA LEU A 56 5.71 7.93 2.19
C LEU A 56 6.34 6.67 1.59
N VAL A 57 7.20 6.84 0.60
CA VAL A 57 7.88 5.70 -0.03
C VAL A 57 9.38 5.97 -0.18
N ARG A 58 10.16 4.90 -0.32
CA ARG A 58 11.54 5.01 -0.75
C ARG A 58 11.60 4.67 -2.22
N GLU A 59 12.14 5.57 -3.03
CA GLU A 59 12.27 5.27 -4.43
C GLU A 59 13.59 4.56 -4.67
N LYS A 60 13.54 3.39 -5.30
CA LYS A 60 14.72 2.60 -5.57
C LYS A 60 15.42 3.10 -6.83
N GLU A 61 16.65 2.64 -7.05
CA GLU A 61 17.43 3.05 -8.20
C GLU A 61 16.63 2.91 -9.49
N ASP A 62 15.91 1.79 -9.62
CA ASP A 62 15.16 1.52 -10.84
C ASP A 62 13.83 2.28 -10.95
N GLY A 63 13.54 3.11 -9.95
CA GLY A 63 12.35 3.94 -9.98
C GLY A 63 11.13 3.32 -9.29
N ALA A 64 11.26 2.07 -8.87
CA ALA A 64 10.19 1.40 -8.12
C ALA A 64 10.10 1.96 -6.69
N PHE A 65 8.92 1.84 -6.09
CA PHE A 65 8.66 2.42 -4.78
C PHE A 65 8.53 1.32 -3.73
N SER A 66 9.24 1.48 -2.62
CA SER A 66 9.02 0.64 -1.45
C SER A 66 8.21 1.45 -0.45
N PHE A 67 7.00 1.00 -0.16
CA PHE A 67 6.09 1.79 0.65
C PHE A 67 6.46 1.75 2.14
N VAL A 68 6.60 2.92 2.75
CA VAL A 68 6.99 3.00 4.16
C VAL A 68 5.77 3.11 5.06
N ARG A 69 4.89 4.06 4.77
CA ARG A 69 3.65 4.15 5.52
C ARG A 69 2.61 4.97 4.78
N LYS A 70 1.36 4.82 5.18
CA LYS A 70 0.32 5.72 4.71
C LYS A 70 0.35 6.89 5.67
N LEU A 71 0.35 8.12 5.16
CA LEU A 71 0.38 9.28 6.05
C LEU A 71 -0.93 9.44 6.81
N GLN A 72 -0.84 9.59 8.13
CA GLN A 72 -2.03 9.70 8.97
C GLN A 72 -2.51 11.16 9.07
N GLU A 73 -3.72 11.34 9.59
CA GLU A 73 -4.36 12.65 9.65
C GLU A 73 -3.54 13.72 10.38
N PHE A 74 -2.82 13.31 11.42
CA PHE A 74 -2.09 14.27 12.24
C PHE A 74 -0.73 14.64 11.65
N GLU A 75 -0.31 13.93 10.61
CA GLU A 75 1.04 14.14 10.07
C GLU A 75 1.15 15.40 9.22
N LEU A 76 2.37 15.94 9.16
CA LEU A 76 2.70 17.07 8.28
C LEU A 76 3.58 16.55 7.15
N PRO A 77 2.99 16.31 5.97
CA PRO A 77 3.73 15.62 4.90
C PRO A 77 5.07 16.27 4.55
N TYR A 78 5.12 17.60 4.48
CA TYR A 78 6.37 18.27 4.20
C TYR A 78 7.44 17.88 5.22
N VAL A 79 7.07 17.93 6.49
CA VAL A 79 7.97 17.54 7.57
C VAL A 79 8.31 16.04 7.50
N SER A 80 7.29 15.21 7.36
CA SER A 80 7.48 13.77 7.25
C SER A 80 8.58 13.38 6.26
N VAL A 81 8.57 13.98 5.07
CA VAL A 81 9.56 13.61 4.06
C VAL A 81 10.89 14.35 4.23
N THR A 82 10.82 15.65 4.55
CA THR A 82 12.02 16.46 4.70
C THR A 82 12.88 16.06 5.89
N SER A 83 12.25 15.61 6.97
CA SER A 83 12.98 15.27 8.18
C SER A 83 13.91 14.06 8.00
N LEU A 84 13.70 13.30 6.92
CA LEU A 84 14.54 12.11 6.67
C LEU A 84 15.89 12.50 6.06
N ARG A 85 15.97 13.71 5.53
CA ARG A 85 17.19 14.24 4.92
C ARG A 85 17.81 13.32 3.88
N SER A 86 16.98 12.82 2.97
CA SER A 86 17.42 11.99 1.87
C SER A 86 16.49 12.14 0.69
N GLN A 87 17.06 12.36 -0.49
CA GLN A 87 16.26 12.59 -1.67
C GLN A 87 15.59 11.32 -2.20
N GLU A 88 15.91 10.18 -1.62
CA GLU A 88 15.31 8.91 -2.05
C GLU A 88 13.86 8.76 -1.57
N TYR A 89 13.49 9.51 -0.54
CA TYR A 89 12.13 9.41 -0.01
C TYR A 89 11.17 10.40 -0.68
N LYS A 90 9.98 9.90 -0.97
CA LYS A 90 9.00 10.64 -1.75
C LYS A 90 7.62 10.51 -1.14
N ILE A 91 6.75 11.46 -1.47
CA ILE A 91 5.34 11.37 -1.14
CA ILE A 91 5.33 11.35 -1.14
C ILE A 91 4.58 10.90 -2.39
N VAL A 92 3.76 9.86 -2.24
CA VAL A 92 3.05 9.29 -3.38
C VAL A 92 1.53 9.29 -3.16
N LEU A 93 0.78 9.60 -4.22
CA LEU A 93 -0.67 9.52 -4.21
C LEU A 93 -1.09 8.21 -4.85
N ARG A 94 -1.95 7.46 -4.18
CA ARG A 94 -2.40 6.19 -4.70
C ARG A 94 -3.81 5.91 -4.19
N LYS A 95 -4.57 5.09 -4.91
CA LYS A 95 -5.89 4.72 -4.41
C LYS A 95 -5.69 4.02 -3.07
N SER A 96 -6.62 4.20 -2.15
CA SER A 96 -6.39 3.69 -0.81
C SER A 96 -7.51 2.80 -0.30
N TYR A 97 -8.31 2.27 -1.21
CA TYR A 97 -9.33 1.30 -0.84
C TYR A 97 -8.94 -0.07 -1.42
N TRP A 98 -9.65 -1.11 -1.00
CA TRP A 98 -9.25 -2.47 -1.35
C TRP A 98 -10.23 -3.16 -2.31
N ASP A 99 -11.52 -3.01 -2.06
CA ASP A 99 -12.53 -3.69 -2.88
C ASP A 99 -12.64 -2.99 -4.23
N SER A 100 -12.42 -3.71 -5.33
CA SER A 100 -12.46 -3.10 -6.65
C SER A 100 -13.85 -2.61 -7.04
N ALA A 101 -14.87 -2.97 -6.26
CA ALA A 101 -16.20 -2.42 -6.50
C ALA A 101 -16.14 -0.89 -6.44
N TYR A 102 -15.28 -0.36 -5.58
CA TYR A 102 -15.17 1.09 -5.47
C TYR A 102 -14.55 1.74 -6.71
N ASP A 103 -13.87 0.96 -7.54
CA ASP A 103 -13.37 1.49 -8.82
C ASP A 103 -14.53 2.08 -9.64
N ASP A 104 -15.73 1.51 -9.48
CA ASP A 104 -16.88 1.99 -10.25
C ASP A 104 -17.17 3.46 -9.94
N ASP A 105 -17.07 3.83 -8.67
CA ASP A 105 -17.28 5.20 -8.25
C ASP A 105 -16.23 6.14 -8.80
N VAL A 106 -14.98 5.70 -8.73
CA VAL A 106 -13.85 6.50 -9.18
C VAL A 106 -13.86 6.70 -10.70
N MET A 107 -14.23 5.65 -11.43
CA MET A 107 -14.14 5.66 -12.90
C MET A 107 -15.24 6.50 -13.55
N GLU A 108 -16.19 6.97 -12.76
CA GLU A 108 -17.27 7.80 -13.27
C GLU A 108 -16.73 9.18 -13.61
N ASN A 109 -15.56 9.50 -13.07
CA ASN A 109 -14.91 10.78 -13.32
C ASN A 109 -13.66 10.59 -14.17
N ARG A 110 -13.43 11.50 -15.11
CA ARG A 110 -12.31 11.38 -16.04
C ARG A 110 -10.96 11.37 -15.33
N VAL A 111 -10.79 12.24 -14.35
CA VAL A 111 -9.53 12.33 -13.62
C VAL A 111 -9.34 11.12 -12.73
N GLY A 112 -10.41 10.66 -12.09
CA GLY A 112 -10.36 9.44 -11.30
C GLY A 112 -9.95 8.27 -12.16
N LEU A 113 -10.60 8.13 -13.31
CA LEU A 113 -10.25 7.07 -14.24
C LEU A 113 -8.80 7.16 -14.71
N ASN A 114 -8.32 8.36 -15.04
CA ASN A 114 -6.92 8.56 -15.41
C ASN A 114 -5.96 8.10 -14.30
N LEU A 115 -6.32 8.41 -13.05
CA LEU A 115 -5.44 8.02 -11.93
C LEU A 115 -5.40 6.51 -11.76
N LEU A 116 -6.56 5.86 -11.83
CA LEU A 116 -6.58 4.40 -11.70
C LEU A 116 -5.83 3.74 -12.85
N TYR A 117 -5.98 4.29 -14.05
CA TYR A 117 -5.29 3.75 -15.22
C TYR A 117 -3.79 3.87 -15.04
N ALA A 118 -3.31 5.06 -14.67
CA ALA A 118 -1.89 5.28 -14.48
C ALA A 118 -1.28 4.28 -13.48
N GLN A 119 -1.92 4.10 -12.33
CA GLN A 119 -1.31 3.24 -11.32
C GLN A 119 -1.41 1.77 -11.69
N THR A 120 -2.44 1.42 -12.45
CA THR A 120 -2.59 0.03 -12.91
C THR A 120 -1.52 -0.31 -13.95
N VAL A 121 -1.27 0.61 -14.88
CA VAL A 121 -0.19 0.39 -15.84
C VAL A 121 1.14 0.20 -15.11
N SER A 122 1.41 1.05 -14.13
CA SER A 122 2.62 0.93 -13.32
CA SER A 122 2.64 0.91 -13.36
C SER A 122 2.64 -0.35 -12.51
N ASP A 123 1.49 -0.74 -11.97
CA ASP A 123 1.42 -1.98 -11.20
C ASP A 123 1.83 -3.20 -12.04
N ILE A 124 1.41 -3.21 -13.30
CA ILE A 124 1.79 -4.29 -14.21
C ILE A 124 3.30 -4.23 -14.50
N GLU A 125 3.77 -3.03 -14.84
CA GLU A 125 5.19 -2.84 -15.18
C GLU A 125 6.12 -3.26 -14.04
N ARG A 126 5.71 -3.01 -12.80
CA ARG A 126 6.54 -3.35 -11.65
C ARG A 126 6.30 -4.75 -11.07
N GLY A 127 5.42 -5.53 -11.67
CA GLY A 127 5.18 -6.89 -11.23
C GLY A 127 4.30 -7.04 -10.00
N TRP A 128 3.59 -5.98 -9.64
CA TRP A 128 2.62 -6.03 -8.55
C TRP A 128 1.40 -6.85 -8.98
N ILE A 129 1.02 -6.66 -10.24
CA ILE A 129 0.00 -7.48 -10.87
C ILE A 129 0.74 -8.60 -11.60
N LEU A 130 0.29 -9.84 -11.40
CA LEU A 130 1.04 -11.01 -11.85
C LEU A 130 0.54 -11.51 -13.20
N VAL A 131 1.35 -11.31 -14.24
CA VAL A 131 1.06 -11.84 -15.56
C VAL A 131 2.30 -12.57 -16.09
N THR A 132 2.10 -13.38 -17.14
CA THR A 132 3.22 -14.08 -17.76
C THR A 132 3.90 -13.16 -18.77
N LYS A 133 5.08 -13.55 -19.22
CA LYS A 133 5.81 -12.78 -20.24
C LYS A 133 4.96 -12.53 -21.48
N GLU A 134 4.23 -13.56 -21.91
CA GLU A 134 3.35 -13.44 -23.07
C GLU A 134 2.18 -12.50 -22.80
N GLN A 135 1.49 -12.72 -21.68
CA GLN A 135 0.37 -11.87 -21.30
C GLN A 135 0.77 -10.40 -21.24
N HIS A 136 1.92 -10.14 -20.60
CA HIS A 136 2.43 -8.79 -20.47
C HIS A 136 2.64 -8.17 -21.85
N ARG A 137 3.06 -9.01 -22.79
CA ARG A 137 3.25 -8.59 -24.17
C ARG A 137 1.92 -8.13 -24.74
N GLN A 138 0.89 -8.97 -24.57
CA GLN A 138 -0.46 -8.67 -25.05
C GLN A 138 -0.97 -7.38 -24.44
N LEU A 139 -0.82 -7.26 -23.12
CA LEU A 139 -1.36 -6.12 -22.39
C LEU A 139 -0.84 -4.79 -22.93
N LYS A 140 0.49 -4.70 -23.07
CA LYS A 140 1.11 -3.49 -23.59
C LYS A 140 0.57 -3.16 -24.99
N SER A 141 0.14 -4.18 -25.71
CA SER A 141 -0.51 -4.01 -27.00
C SER A 141 -1.94 -3.51 -26.84
N LEU A 142 -2.72 -4.21 -26.03
CA LEU A 142 -4.10 -3.83 -25.76
C LEU A 142 -4.15 -2.38 -25.29
N GLN A 143 -3.24 -2.03 -24.59
CA GLN A 143 -3.06 -0.70 -24.03
C GLN A 143 -3.12 0.39 -25.11
N GLU A 144 -2.51 0.14 -26.23
CA GLU A 144 -2.55 1.09 -27.35
C GLU A 144 -3.90 1.05 -28.06
N LYS A 145 -4.53 -0.12 -28.05
CA LYS A 145 -5.68 -0.38 -28.91
C LYS A 145 -7.04 -0.16 -28.25
N VAL A 146 -7.09 -0.18 -26.91
CA VAL A 146 -8.36 -0.01 -26.20
C VAL A 146 -8.38 1.27 -25.37
N SER A 147 -9.56 1.71 -25.01
CA SER A 147 -9.75 2.88 -24.14
C SER A 147 -9.14 2.60 -22.76
N LYS A 148 -8.89 3.66 -22.00
CA LYS A 148 -8.44 3.48 -20.63
C LYS A 148 -9.47 2.70 -19.82
N LYS A 149 -10.75 2.98 -20.06
CA LYS A 149 -11.79 2.27 -19.34
C LYS A 149 -11.76 0.78 -19.66
N GLU A 150 -11.67 0.43 -20.94
CA GLU A 150 -11.64 -0.97 -21.35
C GLU A 150 -10.40 -1.67 -20.81
N PHE A 151 -9.27 -0.95 -20.79
CA PHE A 151 -8.05 -1.50 -20.24
C PHE A 151 -8.22 -1.81 -18.76
N LEU A 152 -8.83 -0.89 -18.01
CA LEU A 152 -9.02 -1.08 -16.58
C LEU A 152 -9.96 -2.24 -16.29
N ARG A 153 -11.04 -2.35 -17.06
CA ARG A 153 -11.98 -3.46 -16.86
C ARG A 153 -11.30 -4.82 -17.07
N LEU A 154 -10.39 -4.90 -18.04
CA LEU A 154 -9.61 -6.12 -18.21
C LEU A 154 -8.66 -6.30 -17.01
N ALA A 155 -7.96 -5.24 -16.64
CA ALA A 155 -6.99 -5.32 -15.54
C ALA A 155 -7.62 -5.82 -14.24
N GLN A 156 -8.88 -5.45 -14.01
CA GLN A 156 -9.55 -5.84 -12.77
C GLN A 156 -9.61 -7.36 -12.61
N THR A 157 -9.49 -8.10 -13.71
CA THR A 157 -9.58 -9.56 -13.66
C THR A 157 -8.21 -10.24 -13.53
N LEU A 158 -7.15 -9.44 -13.52
CA LEU A 158 -5.78 -9.99 -13.50
C LEU A 158 -5.35 -10.38 -12.08
N ARG A 159 -4.47 -11.37 -12.00
CA ARG A 159 -4.01 -11.84 -10.71
C ARG A 159 -3.33 -10.71 -9.92
N HIS A 160 -3.81 -10.52 -8.69
CA HIS A 160 -3.30 -9.51 -7.75
C HIS A 160 -3.59 -8.06 -8.15
N TYR A 161 -4.58 -7.86 -9.03
CA TYR A 161 -5.09 -6.51 -9.20
C TYR A 161 -5.56 -6.01 -7.84
N GLY A 162 -5.14 -4.80 -7.48
CA GLY A 162 -5.58 -4.20 -6.23
C GLY A 162 -4.74 -4.59 -5.02
N TYR A 163 -3.62 -5.29 -5.25
CA TYR A 163 -2.75 -5.69 -4.14
C TYR A 163 -1.60 -4.70 -4.02
N LEU A 164 -1.07 -4.61 -2.80
CA LEU A 164 0.15 -3.84 -2.57
C LEU A 164 1.28 -4.84 -2.30
N ARG A 165 2.37 -4.74 -3.08
CA ARG A 165 3.50 -5.65 -2.97
C ARG A 165 4.60 -5.07 -2.07
N PHE A 166 5.24 -5.94 -1.29
CA PHE A 166 6.32 -5.51 -0.38
C PHE A 166 7.67 -6.00 -0.90
N ASP A 167 8.75 -5.39 -0.42
CA ASP A 167 10.08 -5.86 -0.79
C ASP A 167 10.23 -7.31 -0.34
N ALA A 168 10.99 -8.09 -1.09
CA ALA A 168 11.27 -9.47 -0.72
C ALA A 168 11.80 -9.53 0.71
N CYS A 169 11.29 -10.49 1.49
CA CYS A 169 11.72 -10.63 2.88
C CYS A 169 11.72 -12.10 3.27
N VAL A 170 11.52 -12.41 4.54
CA VAL A 170 11.46 -13.81 4.97
C VAL A 170 10.30 -14.03 5.92
N ALA A 171 9.86 -15.28 6.04
CA ALA A 171 8.78 -15.60 6.95
C ALA A 171 9.06 -16.97 7.52
N ASP A 172 8.38 -17.33 8.60
CA ASP A 172 8.58 -18.67 9.18
C ASP A 172 7.48 -19.64 8.74
N PHE A 173 6.72 -19.23 7.72
CA PHE A 173 5.80 -20.12 7.03
C PHE A 173 6.30 -20.30 5.61
N PRO A 174 6.42 -21.55 5.15
CA PRO A 174 6.04 -22.80 5.84
C PRO A 174 7.13 -23.32 6.77
N GLU A 175 8.36 -22.90 6.54
CA GLU A 175 9.47 -23.28 7.40
C GLU A 175 10.18 -22.02 7.84
N LYS A 176 10.96 -22.14 8.92
CA LYS A 176 11.72 -21.01 9.44
C LYS A 176 12.60 -20.41 8.35
N ASP A 177 12.69 -19.10 8.35
CA ASP A 177 13.58 -18.35 7.45
C ASP A 177 13.36 -18.61 5.97
N CYS A 178 12.10 -18.81 5.58
CA CYS A 178 11.78 -19.00 4.18
C CYS A 178 11.79 -17.65 3.45
N PRO A 179 12.49 -17.56 2.32
CA PRO A 179 12.39 -16.34 1.49
C PRO A 179 10.99 -16.22 0.90
N VAL A 180 10.39 -15.02 1.00
CA VAL A 180 9.02 -14.84 0.53
C VAL A 180 8.81 -13.45 -0.07
N VAL A 181 7.81 -13.34 -0.93
CA VAL A 181 7.30 -12.05 -1.34
C VAL A 181 5.88 -11.93 -0.77
N VAL A 182 5.64 -10.90 0.02
CA VAL A 182 4.33 -10.68 0.64
C VAL A 182 3.60 -9.61 -0.14
N SER A 183 2.30 -9.81 -0.37
CA SER A 183 1.44 -8.80 -0.95
CA SER A 183 1.44 -8.78 -0.93
C SER A 183 0.13 -8.75 -0.16
N ALA A 184 -0.45 -7.57 -0.05
CA ALA A 184 -1.69 -7.40 0.68
C ALA A 184 -2.78 -6.99 -0.28
N GLY A 185 -3.93 -7.63 -0.21
CA GLY A 185 -5.06 -7.23 -1.03
C GLY A 185 -6.21 -8.21 -0.88
N ASN A 186 -7.40 -7.81 -1.33
CA ASN A 186 -8.56 -8.68 -1.35
C ASN A 186 -8.75 -9.35 0.02
N SER A 187 -8.58 -8.56 1.07
CA SER A 187 -8.78 -9.02 2.45
C SER A 187 -7.91 -10.21 2.84
N GLU A 188 -6.69 -10.23 2.36
CA GLU A 188 -5.74 -11.29 2.72
C GLU A 188 -4.30 -10.83 2.60
N LEU A 189 -3.40 -11.63 3.18
CA LEU A 189 -1.98 -11.51 2.91
C LEU A 189 -1.59 -12.69 2.08
N SER A 190 -0.94 -12.43 0.95
CA SER A 190 -0.42 -13.47 0.09
C SER A 190 1.07 -13.64 0.36
N LEU A 191 1.49 -14.87 0.62
CA LEU A 191 2.90 -15.18 0.80
C LEU A 191 3.34 -16.11 -0.32
N GLN A 192 4.17 -15.60 -1.22
CA GLN A 192 4.71 -16.42 -2.30
C GLN A 192 6.11 -16.85 -1.91
N LEU A 193 6.30 -18.16 -1.78
CA LEU A 193 7.52 -18.71 -1.21
C LEU A 193 8.54 -19.04 -2.29
N ARG A 201 5.44 -21.88 -4.62
CA ARG A 201 4.49 -22.17 -3.56
C ARG A 201 3.85 -20.88 -3.03
N GLU A 202 2.61 -20.99 -2.55
CA GLU A 202 1.91 -19.84 -2.03
C GLU A 202 1.03 -20.17 -0.84
N GLY A 203 0.88 -19.19 0.05
CA GLY A 203 -0.05 -19.29 1.14
C GLY A 203 -0.96 -18.09 1.04
N SER A 204 -2.22 -18.25 1.41
CA SER A 204 -3.19 -17.15 1.38
C SER A 204 -3.84 -17.04 2.75
N PHE A 205 -3.57 -15.95 3.44
CA PHE A 205 -4.04 -15.79 4.81
C PHE A 205 -5.12 -14.73 4.93
N ARG A 206 -6.34 -15.19 5.17
CA ARG A 206 -7.51 -14.30 5.18
C ARG A 206 -7.49 -13.41 6.42
N VAL A 207 -7.75 -12.13 6.21
CA VAL A 207 -7.84 -11.17 7.32
C VAL A 207 -8.87 -11.60 8.36
N THR A 208 -10.01 -12.14 7.91
CA THR A 208 -11.06 -12.56 8.85
C THR A 208 -10.66 -13.76 9.71
N ARG A 209 -9.58 -14.44 9.36
CA ARG A 209 -9.08 -15.53 10.19
C ARG A 209 -7.89 -15.14 11.06
N MET A 210 -7.57 -13.85 11.10
CA MET A 210 -6.50 -13.36 11.98
C MET A 210 -7.12 -12.80 13.26
N ARG A 211 -6.83 -13.44 14.40
CA ARG A 211 -7.42 -12.96 15.65
C ARG A 211 -6.79 -11.63 16.05
N CYS A 212 -5.48 -11.53 15.83
CA CYS A 212 -4.74 -10.28 16.06
C CYS A 212 -3.42 -10.29 15.29
N TRP A 213 -2.70 -9.17 15.32
CA TRP A 213 -1.33 -9.18 14.81
C TRP A 213 -0.47 -8.30 15.71
N ARG A 214 0.83 -8.45 15.60
CA ARG A 214 1.74 -7.76 16.49
C ARG A 214 2.96 -7.28 15.70
N VAL A 215 3.38 -6.04 15.95
CA VAL A 215 4.61 -5.54 15.35
C VAL A 215 5.66 -5.40 16.43
N THR A 216 6.83 -5.98 16.21
CA THR A 216 7.89 -5.96 17.22
C THR A 216 9.18 -5.47 16.58
N SER A 217 10.03 -4.83 17.37
CA SER A 217 11.29 -4.33 16.84
C SER A 217 12.39 -4.63 17.85
N SER A 218 13.59 -4.91 17.35
CA SER A 218 14.77 -4.94 18.21
C SER A 218 15.11 -3.51 18.61
N VAL A 219 15.98 -3.36 19.59
CA VAL A 219 16.56 -2.05 19.86
C VAL A 219 17.36 -1.63 18.62
N PRO A 220 17.62 -0.34 18.46
CA PRO A 220 18.46 0.09 17.35
C PRO A 220 19.90 -0.39 17.51
N LEU A 221 20.48 -0.89 16.42
CA LEU A 221 21.80 -1.49 16.45
C LEU A 221 22.77 -0.67 15.62
N PRO A 222 24.07 -0.72 15.97
CA PRO A 222 25.07 0.05 15.23
C PRO A 222 25.07 -0.36 13.76
N SER A 223 25.30 0.60 12.88
CA SER A 223 25.33 0.34 11.44
C SER A 223 26.33 -0.76 11.08
N GLY A 224 25.90 -1.68 10.22
CA GLY A 224 26.75 -2.79 9.80
C GLY A 224 27.84 -2.38 8.83
N GLY A 232 25.49 6.68 8.70
CA GLY A 232 25.27 6.88 10.12
C GLY A 232 23.85 6.56 10.56
N ARG A 233 23.34 5.43 10.09
CA ARG A 233 21.98 4.98 10.41
C ARG A 233 22.00 3.68 11.21
N GLY A 234 21.20 3.64 12.27
CA GLY A 234 21.06 2.43 13.05
C GLY A 234 20.22 1.42 12.29
N GLU A 235 20.29 0.16 12.69
CA GLU A 235 19.48 -0.86 12.06
C GLU A 235 18.54 -1.46 13.09
N VAL A 236 17.36 -1.87 12.62
CA VAL A 236 16.40 -2.51 13.51
C VAL A 236 15.88 -3.76 12.83
N ARG A 237 15.70 -4.81 13.61
CA ARG A 237 15.10 -6.03 13.10
C ARG A 237 13.62 -5.96 13.43
N LEU A 238 12.79 -5.87 12.40
CA LEU A 238 11.35 -5.74 12.60
C LEU A 238 10.61 -6.99 12.17
N GLU A 239 9.57 -7.32 12.93
CA GLU A 239 8.73 -8.46 12.61
C GLU A 239 7.25 -8.08 12.66
N LEU A 240 6.46 -8.64 11.75
CA LEU A 240 5.01 -8.62 11.86
C LEU A 240 4.57 -10.07 12.06
N ALA A 241 3.85 -10.32 13.14
CA ALA A 241 3.39 -11.68 13.42
C ALA A 241 1.87 -11.63 13.48
N PHE A 242 1.18 -12.56 12.84
CA PHE A 242 -0.27 -12.59 12.96
C PHE A 242 -0.73 -13.95 13.48
N GLU A 243 -1.78 -13.91 14.29
CA GLU A 243 -2.25 -15.14 14.95
C GLU A 243 -3.41 -15.69 14.12
N TYR A 244 -3.15 -16.78 13.42
CA TYR A 244 -4.03 -17.27 12.36
C TYR A 244 -4.85 -18.50 12.79
N LEU A 245 -6.14 -18.49 12.48
CA LEU A 245 -6.99 -19.66 12.72
C LEU A 245 -6.75 -20.65 11.59
N MET A 246 -5.82 -21.57 11.83
CA MET A 246 -5.42 -22.55 10.80
C MET A 246 -6.48 -23.62 10.55
N SER A 247 -7.24 -23.96 11.58
CA SER A 247 -8.37 -24.87 11.48
C SER A 247 -9.20 -24.71 12.74
N LYS A 248 -10.26 -25.49 12.90
CA LYS A 248 -11.15 -25.26 14.04
C LYS A 248 -10.39 -25.37 15.36
N ASP A 249 -10.56 -24.36 16.22
CA ASP A 249 -9.90 -24.31 17.53
C ASP A 249 -8.37 -24.44 17.49
N ARG A 250 -7.77 -24.09 16.37
CA ARG A 250 -6.31 -24.15 16.26
C ARG A 250 -5.75 -22.83 15.74
N LEU A 251 -5.16 -22.05 16.65
CA LEU A 251 -4.53 -20.78 16.31
C LEU A 251 -3.02 -20.95 16.21
N GLN A 252 -2.41 -20.34 15.20
CA GLN A 252 -0.98 -20.48 14.97
C GLN A 252 -0.39 -19.15 14.57
N TRP A 253 0.70 -18.74 15.22
CA TRP A 253 1.37 -17.48 14.85
C TRP A 253 2.22 -17.65 13.59
N VAL A 254 2.07 -16.73 12.64
CA VAL A 254 2.93 -16.69 11.46
C VAL A 254 3.74 -15.40 11.55
N THR A 255 5.06 -15.52 11.40
CA THR A 255 5.93 -14.38 11.60
C THR A 255 6.69 -14.00 10.33
N ILE A 256 6.53 -12.74 9.94
CA ILE A 256 7.23 -12.18 8.79
C ILE A 256 8.30 -11.21 9.30
N THR A 257 9.53 -11.41 8.85
CA THR A 257 10.63 -10.51 9.20
C THR A 257 10.86 -9.55 8.04
N SER A 258 10.52 -8.28 8.25
CA SER A 258 10.53 -7.31 7.15
C SER A 258 10.69 -5.91 7.67
N PRO A 259 11.57 -5.13 7.03
CA PRO A 259 11.73 -3.71 7.34
C PRO A 259 10.43 -2.94 7.11
N GLN A 260 9.51 -3.53 6.33
CA GLN A 260 8.21 -2.91 6.10
C GLN A 260 7.09 -3.50 6.98
N ALA A 261 7.44 -4.11 8.10
CA ALA A 261 6.43 -4.68 8.99
C ALA A 261 5.32 -3.70 9.35
N ILE A 262 5.68 -2.44 9.59
CA ILE A 262 4.67 -1.46 9.95
C ILE A 262 3.70 -1.18 8.80
N MET A 263 4.22 -1.07 7.59
CA MET A 263 3.37 -0.88 6.42
C MET A 263 2.42 -2.09 6.26
N MET A 264 2.93 -3.29 6.49
CA MET A 264 2.08 -4.49 6.45
C MET A 264 0.96 -4.38 7.48
N SER A 265 1.31 -3.99 8.69
CA SER A 265 0.36 -3.81 9.77
C SER A 265 -0.69 -2.77 9.37
N ILE A 266 -0.25 -1.68 8.76
CA ILE A 266 -1.17 -0.63 8.30
C ILE A 266 -2.17 -1.19 7.27
N CYS A 267 -1.67 -2.02 6.36
CA CYS A 267 -2.55 -2.64 5.36
C CYS A 267 -3.55 -3.59 5.99
N LEU A 268 -3.10 -4.39 6.97
CA LEU A 268 -4.03 -5.27 7.67
C LEU A 268 -5.14 -4.46 8.35
N GLN A 269 -4.75 -3.40 9.04
CA GLN A 269 -5.74 -2.56 9.71
C GLN A 269 -6.71 -1.96 8.70
N SER A 270 -6.17 -1.48 7.59
CA SER A 270 -6.98 -0.83 6.57
C SER A 270 -7.97 -1.83 5.97
N MET A 271 -7.50 -3.05 5.71
CA MET A 271 -8.39 -4.08 5.17
C MET A 271 -9.47 -4.48 6.17
N VAL A 272 -9.10 -4.59 7.45
CA VAL A 272 -10.08 -4.93 8.47
C VAL A 272 -11.11 -3.78 8.59
N ASP A 273 -10.61 -2.56 8.60
CA ASP A 273 -11.48 -1.38 8.70
C ASP A 273 -12.50 -1.38 7.56
N GLU A 274 -12.04 -1.63 6.33
CA GLU A 274 -12.93 -1.61 5.18
C GLU A 274 -14.01 -2.70 5.28
N LEU A 275 -13.63 -3.88 5.76
CA LEU A 275 -14.60 -4.95 6.01
C LEU A 275 -15.66 -4.54 7.03
N MET A 276 -15.24 -3.87 8.09
CA MET A 276 -16.22 -3.49 9.10
CA MET A 276 -16.15 -3.41 9.15
C MET A 276 -17.12 -2.35 8.63
N VAL A 277 -16.59 -1.44 7.82
CA VAL A 277 -17.41 -0.38 7.22
C VAL A 277 -18.48 -1.01 6.35
N LYS A 278 -18.08 -2.01 5.57
CA LYS A 278 -19.02 -2.73 4.73
C LYS A 278 -20.07 -3.43 5.58
N LYS A 279 -19.61 -4.11 6.64
CA LYS A 279 -20.51 -4.84 7.51
C LYS A 279 -21.56 -3.90 8.12
N SER A 280 -21.16 -2.68 8.43
CA SER A 280 -22.05 -1.71 9.06
C SER A 280 -23.06 -1.13 8.05
N GLY B 27 -1.27 3.55 17.75
CA GLY B 27 0.04 3.04 18.08
C GLY B 27 0.73 2.39 16.89
N THR B 28 2.03 2.12 17.05
CA THR B 28 2.83 1.49 15.99
C THR B 28 3.29 0.09 16.37
N TYR B 29 3.71 -0.08 17.62
CA TYR B 29 4.24 -1.36 18.06
C TYR B 29 3.28 -2.01 19.04
N GLY B 30 3.44 -3.32 19.23
CA GLY B 30 2.59 -4.06 20.14
C GLY B 30 1.48 -4.80 19.41
N VAL B 31 0.41 -5.11 20.13
CA VAL B 31 -0.64 -5.99 19.62
C VAL B 31 -1.83 -5.21 19.10
N PHE B 32 -2.33 -5.62 17.93
CA PHE B 32 -3.49 -4.99 17.35
C PHE B 32 -4.64 -6.00 17.30
N THR B 33 -5.75 -5.67 17.94
CA THR B 33 -6.91 -6.55 17.95
C THR B 33 -7.65 -6.41 16.60
N ASN B 34 -7.94 -7.52 15.94
CA ASN B 34 -8.64 -7.47 14.66
C ASN B 34 -10.15 -7.48 14.82
N ALA B 35 -10.78 -6.31 14.67
CA ALA B 35 -12.23 -6.23 14.79
C ALA B 35 -12.97 -7.14 13.80
N ALA B 36 -12.33 -7.45 12.67
CA ALA B 36 -12.96 -8.24 11.61
C ALA B 36 -12.78 -9.76 11.77
N TYR B 37 -12.16 -10.18 12.87
CA TYR B 37 -11.96 -11.61 13.11
C TYR B 37 -13.29 -12.34 13.18
N ASP B 38 -13.43 -13.42 12.42
CA ASP B 38 -14.69 -14.15 12.35
C ASP B 38 -14.41 -15.65 12.28
N PRO B 39 -14.38 -16.31 13.44
CA PRO B 39 -14.00 -17.73 13.48
C PRO B 39 -15.11 -18.67 13.00
N THR B 40 -16.27 -18.10 12.68
CA THR B 40 -17.33 -18.82 11.98
C THR B 40 -16.83 -19.34 10.63
N PRO B 41 -16.82 -20.68 10.47
CA PRO B 41 -16.18 -21.30 9.31
C PRO B 41 -16.89 -20.96 8.00
#